data_3KIJ
#
_entry.id   3KIJ
#
_cell.length_a   90.430
_cell.length_b   122.300
_cell.length_c   70.180
_cell.angle_alpha   90.00
_cell.angle_beta   117.90
_cell.angle_gamma   90.00
#
_symmetry.space_group_name_H-M   'C 1 2 1'
#
loop_
_entity.id
_entity.type
_entity.pdbx_description
1 polymer 'Probable glutathione peroxidase 8'
2 non-polymer 'SULFATE ION'
3 water water
#
_entity_poly.entity_id   1
_entity_poly.type   'polypeptide(L)'
_entity_poly.pdbx_seq_one_letter_code
;MHHHHHHMKFLKPKINSFYAFEVKDAKGRTVSLEKYKGKVSLVVNVASDCQLTDRNYLGLKELHKEFGPSHFSVLAFPCN
QFGESEPRPSKEVESFARKNYGVTFPIFHKIKILGSEGEPAFRFLVDSSKKEPRWNFWKYLVNPEGQVVKFWRPEEPIEV
IRPDIAALVRQVIIKKKEDL
;
_entity_poly.pdbx_strand_id   A,B,C
#
loop_
_chem_comp.id
_chem_comp.type
_chem_comp.name
_chem_comp.formula
SO4 non-polymer 'SULFATE ION' 'O4 S -2'
#
# COMPACT_ATOMS: atom_id res chain seq x y z
N PHE A 10 46.83 0.38 -11.13
CA PHE A 10 46.20 -0.55 -10.14
C PHE A 10 44.69 -0.50 -10.22
N LEU A 11 44.18 -1.71 -10.25
CA LEU A 11 42.83 -2.10 -10.53
C LEU A 11 42.21 -2.65 -9.23
N LYS A 12 41.41 -1.84 -8.54
CA LYS A 12 40.83 -2.22 -7.23
C LYS A 12 39.98 -3.50 -7.30
N PRO A 13 40.15 -4.42 -6.33
CA PRO A 13 39.44 -5.71 -6.37
C PRO A 13 37.95 -5.56 -6.04
N LYS A 14 37.12 -6.42 -6.65
CA LYS A 14 35.67 -6.43 -6.45
C LYS A 14 35.26 -7.68 -5.66
N ILE A 15 34.32 -7.51 -4.72
CA ILE A 15 33.80 -8.67 -3.96
C ILE A 15 32.93 -9.55 -4.86
N ASN A 16 33.22 -10.84 -4.88
CA ASN A 16 32.57 -11.83 -5.76
C ASN A 16 31.27 -12.46 -5.22
N SER A 17 31.13 -12.48 -3.90
CA SER A 17 30.08 -13.27 -3.25
C SER A 17 29.38 -12.51 -2.15
N PHE A 18 28.06 -12.63 -2.10
CA PHE A 18 27.28 -12.01 -1.03
C PHE A 18 27.69 -12.56 0.33
N TYR A 19 28.14 -13.80 0.31
CA TYR A 19 28.50 -14.49 1.54
C TYR A 19 29.87 -14.06 2.04
N ALA A 20 30.54 -13.17 1.31
CA ALA A 20 31.86 -12.68 1.76
C ALA A 20 31.76 -11.63 2.86
N PHE A 21 30.59 -10.99 2.98
CA PHE A 21 30.46 -9.83 3.87
C PHE A 21 30.14 -10.16 5.32
N GLU A 22 30.57 -9.27 6.21
CA GLU A 22 30.10 -9.26 7.59
C GLU A 22 28.97 -8.25 7.76
N VAL A 23 27.99 -8.62 8.58
CA VAL A 23 26.91 -7.71 8.91
C VAL A 23 26.71 -7.75 10.42
N LYS A 24 25.97 -6.78 10.93
CA LYS A 24 25.55 -6.80 12.31
C LYS A 24 24.17 -7.46 12.44
N ASP A 25 24.01 -8.32 13.45
CA ASP A 25 22.71 -8.92 13.75
C ASP A 25 21.85 -7.94 14.56
N ALA A 26 20.63 -8.33 14.89
CA ALA A 26 19.68 -7.40 15.50
C ALA A 26 20.14 -6.90 16.86
N LYS A 27 20.94 -7.71 17.55
CA LYS A 27 21.44 -7.34 18.85
C LYS A 27 22.76 -6.57 18.76
N GLY A 28 23.21 -6.32 17.52
CA GLY A 28 24.36 -5.44 17.27
C GLY A 28 25.70 -6.15 17.17
N ARG A 29 25.67 -7.48 17.13
CA ARG A 29 26.89 -8.28 17.02
C ARG A 29 27.25 -8.65 15.58
N THR A 30 28.56 -8.71 15.33
CA THR A 30 29.12 -9.01 14.01
C THR A 30 28.86 -10.48 13.63
N VAL A 31 28.25 -10.67 12.46
CA VAL A 31 28.00 -11.98 11.90
C VAL A 31 28.67 -12.01 10.53
N SER A 32 29.44 -13.05 10.28
CA SER A 32 29.99 -13.29 8.97
C SER A 32 28.94 -14.03 8.16
N LEU A 33 28.72 -13.60 6.91
CA LEU A 33 27.73 -14.27 6.07
C LEU A 33 28.30 -15.53 5.44
N GLU A 34 29.56 -15.85 5.76
CA GLU A 34 30.17 -17.07 5.27
C GLU A 34 29.47 -18.31 5.80
N LYS A 35 28.84 -18.21 6.96
CA LYS A 35 28.08 -19.33 7.50
C LYS A 35 26.93 -19.83 6.60
N TYR A 36 26.54 -19.02 5.61
CA TYR A 36 25.49 -19.39 4.64
C TYR A 36 26.01 -19.94 3.31
N LYS A 37 27.33 -19.99 3.16
CA LYS A 37 27.97 -20.60 1.99
C LYS A 37 27.47 -22.04 1.81
N GLY A 38 27.14 -22.40 0.59
CA GLY A 38 26.68 -23.75 0.29
C GLY A 38 25.19 -23.92 0.49
N LYS A 39 24.53 -22.85 0.98
CA LYS A 39 23.06 -22.81 1.06
C LYS A 39 22.48 -21.81 0.05
N VAL A 40 21.20 -21.97 -0.22
CA VAL A 40 20.40 -21.01 -1.00
C VAL A 40 19.88 -19.97 -0.01
N SER A 41 19.94 -18.69 -0.40
CA SER A 41 19.40 -17.61 0.44
C SER A 41 18.37 -16.74 -0.28
N LEU A 42 17.30 -16.42 0.41
CA LEU A 42 16.34 -15.43 -0.14
C LEU A 42 16.52 -14.18 0.70
N VAL A 43 17.15 -13.17 0.11
CA VAL A 43 17.49 -11.98 0.90
C VAL A 43 16.45 -10.95 0.63
N VAL A 44 15.91 -10.35 1.69
CA VAL A 44 14.75 -9.48 1.56
C VAL A 44 14.95 -8.28 2.46
N ASN A 45 14.69 -7.08 1.94
CA ASN A 45 14.59 -5.92 2.83
C ASN A 45 13.21 -5.87 3.47
N VAL A 46 13.14 -5.77 4.80
CA VAL A 46 11.86 -5.89 5.48
C VAL A 46 11.45 -4.61 6.20
N ALA A 47 10.20 -4.56 6.64
CA ALA A 47 9.66 -3.41 7.40
C ALA A 47 8.44 -3.90 8.18
N SER A 48 8.28 -3.38 9.41
CA SER A 48 7.19 -3.80 10.31
C SER A 48 5.90 -2.99 10.16
N ASP A 49 6.00 -1.77 9.62
CA ASP A 49 4.86 -0.84 9.56
C ASP A 49 4.50 -0.42 8.14
N CYS A 50 4.21 -1.39 7.28
N CYS A 50 4.24 -1.38 7.27
CA CYS A 50 3.68 -1.09 5.96
CA CYS A 50 3.65 -1.06 5.97
C CYS A 50 2.58 -2.08 5.56
C CYS A 50 2.59 -2.08 5.55
N GLN A 51 1.83 -1.74 4.52
CA GLN A 51 0.72 -2.58 4.05
C GLN A 51 1.20 -3.98 3.74
N LEU A 52 2.43 -4.08 3.24
CA LEU A 52 2.95 -5.37 2.80
C LEU A 52 3.54 -6.27 3.90
N THR A 53 3.65 -5.76 5.14
CA THR A 53 4.34 -6.47 6.20
C THR A 53 3.79 -7.88 6.48
N ASP A 54 2.48 -7.96 6.65
CA ASP A 54 1.84 -9.20 7.05
C ASP A 54 2.00 -10.32 6.03
N ARG A 55 1.71 -10.03 4.76
CA ARG A 55 1.70 -11.07 3.75
C ARG A 55 3.13 -11.56 3.55
N ASN A 56 4.07 -10.63 3.73
CA ASN A 56 5.49 -10.97 3.53
C ASN A 56 6.05 -11.80 4.65
N TYR A 57 5.79 -11.42 5.88
CA TYR A 57 6.27 -12.24 6.97
C TYR A 57 5.64 -13.63 6.96
N LEU A 58 4.37 -13.72 6.61
CA LEU A 58 3.69 -15.03 6.61
C LEU A 58 4.28 -15.92 5.51
N GLY A 59 4.49 -15.32 4.36
CA GLY A 59 5.01 -15.98 3.16
C GLY A 59 6.47 -16.43 3.31
N LEU A 60 7.31 -15.54 3.86
CA LEU A 60 8.72 -15.87 4.11
C LEU A 60 8.82 -16.98 5.17
N LYS A 61 7.95 -16.95 6.18
CA LYS A 61 7.87 -18.03 7.17
C LYS A 61 7.59 -19.38 6.50
N GLU A 62 6.62 -19.39 5.59
CA GLU A 62 6.23 -20.59 4.84
C GLU A 62 7.45 -21.15 4.09
N LEU A 63 8.20 -20.26 3.42
CA LEU A 63 9.34 -20.66 2.63
C LEU A 63 10.47 -21.20 3.51
N HIS A 64 10.77 -20.47 4.58
CA HIS A 64 11.83 -20.87 5.51
C HIS A 64 11.51 -22.21 6.18
N LYS A 65 10.25 -22.42 6.53
CA LYS A 65 9.82 -23.70 7.11
C LYS A 65 9.94 -24.87 6.14
N GLU A 66 9.49 -24.67 4.90
CA GLU A 66 9.46 -25.73 3.91
C GLU A 66 10.85 -26.14 3.42
N PHE A 67 11.73 -25.15 3.22
CA PHE A 67 13.02 -25.38 2.59
C PHE A 67 14.21 -25.33 3.53
N GLY A 68 14.08 -24.63 4.64
CA GLY A 68 15.19 -24.39 5.57
C GLY A 68 15.17 -25.36 6.74
N PRO A 69 16.13 -25.21 7.67
CA PRO A 69 17.21 -24.24 7.62
C PRO A 69 18.58 -24.77 7.15
N SER A 70 18.69 -26.07 6.88
CA SER A 70 19.99 -26.69 6.48
C SER A 70 20.54 -26.23 5.13
N HIS A 71 19.67 -26.20 4.13
CA HIS A 71 20.08 -25.89 2.77
C HIS A 71 19.51 -24.58 2.25
N PHE A 72 18.71 -23.91 3.09
CA PHE A 72 18.04 -22.66 2.66
C PHE A 72 17.82 -21.74 3.85
N SER A 73 17.93 -20.43 3.61
CA SER A 73 17.50 -19.48 4.64
C SER A 73 16.93 -18.23 4.04
N VAL A 74 15.90 -17.72 4.71
CA VAL A 74 15.51 -16.32 4.50
C VAL A 74 16.52 -15.48 5.29
N LEU A 75 17.02 -14.41 4.67
CA LEU A 75 17.87 -13.45 5.39
C LEU A 75 17.20 -12.10 5.34
N ALA A 76 16.69 -11.66 6.49
CA ALA A 76 15.91 -10.41 6.55
C ALA A 76 16.65 -9.19 7.09
N PHE A 77 16.70 -8.14 6.26
CA PHE A 77 17.35 -6.85 6.54
C PHE A 77 16.35 -5.71 6.66
N PRO A 78 16.05 -5.30 7.91
CA PRO A 78 15.16 -4.18 8.16
C PRO A 78 15.73 -2.88 7.57
N CYS A 79 14.84 -1.99 7.12
CA CYS A 79 15.26 -0.76 6.48
C CYS A 79 14.12 0.24 6.61
N ASN A 80 14.46 1.47 7.02
CA ASN A 80 13.50 2.51 7.29
C ASN A 80 13.44 3.58 6.20
N GLN A 81 13.94 3.25 5.01
CA GLN A 81 14.02 4.22 3.91
C GLN A 81 12.87 4.25 2.93
N PHE A 82 11.86 3.39 3.18
CA PHE A 82 10.72 3.29 2.28
C PHE A 82 9.44 3.55 3.04
N GLY A 83 8.94 4.79 2.96
CA GLY A 83 7.79 5.22 3.75
C GLY A 83 8.01 5.21 5.26
N GLU A 84 9.27 5.31 5.69
CA GLU A 84 9.64 5.23 7.11
C GLU A 84 8.87 4.09 7.81
N SER A 85 9.00 2.90 7.26
CA SER A 85 8.15 1.78 7.63
C SER A 85 8.82 0.83 8.61
N GLU A 86 10.00 1.21 9.07
CA GLU A 86 10.74 0.48 10.10
C GLU A 86 11.28 1.45 11.19
N PRO A 87 10.40 2.16 11.92
CA PRO A 87 10.81 3.16 12.92
C PRO A 87 11.55 2.61 14.15
N ARG A 88 11.19 1.40 14.59
CA ARG A 88 11.63 0.89 15.88
C ARG A 88 13.08 0.45 15.85
N PRO A 89 13.73 0.43 17.04
CA PRO A 89 15.12 -0.04 17.12
C PRO A 89 15.24 -1.50 16.65
N SER A 90 16.43 -1.85 16.17
CA SER A 90 16.71 -3.18 15.62
C SER A 90 16.28 -4.34 16.52
N LYS A 91 16.52 -4.24 17.83
CA LYS A 91 16.10 -5.30 18.75
C LYS A 91 14.58 -5.50 18.76
N GLU A 92 13.85 -4.39 18.71
CA GLU A 92 12.39 -4.43 18.78
C GLU A 92 11.81 -4.97 17.48
N VAL A 93 12.50 -4.68 16.37
CA VAL A 93 12.15 -5.30 15.07
C VAL A 93 12.19 -6.81 15.15
N GLU A 94 13.31 -7.37 15.62
CA GLU A 94 13.42 -8.80 15.78
C GLU A 94 12.32 -9.36 16.71
N SER A 95 12.09 -8.70 17.86
CA SER A 95 10.99 -9.10 18.77
C SER A 95 9.63 -9.11 18.05
N PHE A 96 9.32 -8.03 17.34
CA PHE A 96 8.08 -7.93 16.54
C PHE A 96 7.88 -9.16 15.72
N ALA A 97 8.92 -9.52 14.95
CA ALA A 97 8.83 -10.62 14.02
C ALA A 97 8.62 -11.95 14.74
N ARG A 98 9.38 -12.16 15.81
CA ARG A 98 9.30 -13.41 16.59
C ARG A 98 7.97 -13.52 17.33
N LYS A 99 7.55 -12.43 17.95
CA LYS A 99 6.30 -12.41 18.72
C LYS A 99 5.10 -12.54 17.81
N ASN A 100 5.08 -11.79 16.71
CA ASN A 100 3.89 -11.80 15.85
C ASN A 100 3.79 -12.94 14.85
N TYR A 101 4.93 -13.47 14.41
CA TYR A 101 4.93 -14.50 13.36
C TYR A 101 5.63 -15.80 13.74
N GLY A 102 6.34 -15.77 14.86
CA GLY A 102 7.10 -16.92 15.35
C GLY A 102 8.22 -17.35 14.44
N VAL A 103 8.79 -16.40 13.68
CA VAL A 103 9.79 -16.77 12.67
C VAL A 103 11.14 -17.13 13.28
N THR A 104 11.86 -18.02 12.62
CA THR A 104 13.14 -18.50 13.14
C THR A 104 14.26 -18.11 12.20
N PHE A 105 13.94 -17.42 11.10
CA PHE A 105 14.96 -16.96 10.22
C PHE A 105 15.69 -15.72 10.79
N PRO A 106 16.95 -15.50 10.40
CA PRO A 106 17.67 -14.37 11.01
C PRO A 106 17.10 -13.02 10.59
N ILE A 107 16.96 -12.12 11.56
CA ILE A 107 16.61 -10.74 11.30
C ILE A 107 17.86 -9.99 11.69
N PHE A 108 18.48 -9.32 10.74
CA PHE A 108 19.74 -8.64 10.99
C PHE A 108 19.49 -7.25 11.49
N HIS A 109 20.54 -6.51 11.85
CA HIS A 109 20.39 -5.12 12.27
C HIS A 109 19.76 -4.33 11.12
N LYS A 110 19.02 -3.29 11.45
CA LYS A 110 18.54 -2.35 10.46
C LYS A 110 19.71 -1.74 9.70
N ILE A 111 19.50 -1.51 8.41
CA ILE A 111 20.51 -0.98 7.52
C ILE A 111 19.97 0.13 6.62
N LYS A 112 20.90 0.89 6.04
CA LYS A 112 20.58 1.74 4.91
C LYS A 112 20.87 0.99 3.62
N ILE A 113 20.03 1.18 2.60
CA ILE A 113 20.18 0.53 1.29
C ILE A 113 20.37 1.54 0.16
N LEU A 114 19.66 2.66 0.28
CA LEU A 114 19.76 3.81 -0.63
C LEU A 114 20.78 4.81 -0.08
N GLY A 115 21.27 5.68 -0.96
CA GLY A 115 22.08 6.84 -0.55
C GLY A 115 23.58 6.54 -0.44
N SER A 116 24.32 7.53 0.05
CA SER A 116 25.79 7.46 0.24
C SER A 116 26.25 6.32 1.15
N GLU A 117 25.43 6.00 2.16
CA GLU A 117 25.81 5.09 3.24
C GLU A 117 25.29 3.65 3.08
N GLY A 118 25.12 3.18 1.84
CA GLY A 118 24.50 1.84 1.60
C GLY A 118 25.27 0.69 2.23
N GLU A 119 24.56 -0.21 2.90
CA GLU A 119 25.16 -1.43 3.47
C GLU A 119 25.85 -2.26 2.37
N PRO A 120 27.18 -2.48 2.49
CA PRO A 120 27.89 -3.16 1.39
C PRO A 120 27.31 -4.51 0.97
N ALA A 121 26.93 -5.35 1.93
CA ALA A 121 26.31 -6.63 1.59
C ALA A 121 25.09 -6.42 0.71
N PHE A 122 24.26 -5.41 1.01
CA PHE A 122 23.03 -5.22 0.23
C PHE A 122 23.34 -4.57 -1.10
N ARG A 123 24.30 -3.64 -1.10
CA ARG A 123 24.73 -3.02 -2.36
C ARG A 123 25.24 -4.07 -3.36
N PHE A 124 25.82 -5.13 -2.85
CA PHE A 124 26.24 -6.22 -3.70
C PHE A 124 25.05 -6.83 -4.45
N LEU A 125 23.94 -7.07 -3.75
CA LEU A 125 22.72 -7.55 -4.43
C LEU A 125 22.22 -6.61 -5.51
N VAL A 126 22.31 -5.31 -5.23
CA VAL A 126 21.77 -4.27 -6.10
C VAL A 126 22.63 -4.17 -7.37
N ASP A 127 23.95 -4.16 -7.17
CA ASP A 127 24.91 -4.08 -8.27
C ASP A 127 24.82 -5.32 -9.21
N SER A 128 24.67 -6.50 -8.61
CA SER A 128 24.57 -7.75 -9.38
C SER A 128 23.30 -7.87 -10.21
N SER A 129 22.19 -7.47 -9.62
CA SER A 129 20.88 -7.57 -10.24
C SER A 129 20.57 -6.37 -11.12
N LYS A 130 21.29 -5.26 -10.89
CA LYS A 130 21.02 -3.94 -11.44
C LYS A 130 19.63 -3.41 -11.04
N LYS A 131 19.15 -3.86 -9.89
CA LYS A 131 17.84 -3.44 -9.39
C LYS A 131 17.98 -2.98 -7.94
N GLU A 132 17.88 -1.68 -7.73
CA GLU A 132 17.82 -1.11 -6.37
C GLU A 132 16.36 -1.14 -5.92
N PRO A 133 16.10 -1.57 -4.66
CA PRO A 133 14.72 -1.51 -4.14
C PRO A 133 14.09 -0.10 -4.25
N ARG A 134 12.79 -0.07 -4.54
CA ARG A 134 11.98 1.16 -4.61
CA ARG A 134 11.99 1.17 -4.59
C ARG A 134 10.92 1.11 -3.53
N TRP A 135 10.89 0.00 -2.79
CA TRP A 135 9.97 -0.16 -1.67
C TRP A 135 10.47 -1.23 -0.72
N ASN A 136 9.69 -1.47 0.33
CA ASN A 136 9.94 -2.60 1.22
C ASN A 136 9.70 -3.91 0.47
N PHE A 137 10.43 -4.95 0.87
CA PHE A 137 10.17 -6.33 0.47
C PHE A 137 10.50 -6.67 -0.97
N TRP A 138 11.50 -6.00 -1.54
CA TRP A 138 12.18 -6.57 -2.69
C TRP A 138 12.92 -7.82 -2.24
N LYS A 139 13.14 -8.77 -3.14
CA LYS A 139 13.69 -10.08 -2.77
C LYS A 139 14.72 -10.56 -3.78
N TYR A 140 15.79 -11.18 -3.28
CA TYR A 140 16.96 -11.52 -4.11
C TYR A 140 17.29 -12.95 -3.79
N LEU A 141 17.37 -13.75 -4.83
CA LEU A 141 17.75 -15.15 -4.66
C LEU A 141 19.25 -15.31 -4.89
N VAL A 142 19.91 -15.88 -3.89
CA VAL A 142 21.36 -16.05 -3.89
C VAL A 142 21.66 -17.53 -3.86
N ASN A 143 22.46 -18.00 -4.82
CA ASN A 143 22.83 -19.40 -4.88
C ASN A 143 23.90 -19.77 -3.83
N PRO A 144 24.25 -21.07 -3.73
CA PRO A 144 25.22 -21.54 -2.74
C PRO A 144 26.62 -20.94 -2.89
N GLU A 145 26.93 -20.46 -4.09
CA GLU A 145 28.20 -19.79 -4.33
C GLU A 145 28.16 -18.27 -4.08
N GLY A 146 27.02 -17.76 -3.60
CA GLY A 146 26.90 -16.36 -3.27
C GLY A 146 26.57 -15.41 -4.40
N GLN A 147 26.12 -15.96 -5.52
CA GLN A 147 25.71 -15.18 -6.69
C GLN A 147 24.19 -14.94 -6.71
N VAL A 148 23.79 -13.72 -7.10
CA VAL A 148 22.37 -13.44 -7.28
C VAL A 148 21.91 -14.10 -8.60
N VAL A 149 20.91 -14.95 -8.54
CA VAL A 149 20.40 -15.53 -9.78
C VAL A 149 19.00 -15.05 -10.17
N LYS A 150 18.29 -14.46 -9.20
CA LYS A 150 16.97 -13.90 -9.49
C LYS A 150 16.60 -12.80 -8.50
N PHE A 151 15.68 -11.93 -8.91
CA PHE A 151 15.12 -10.93 -8.00
C PHE A 151 13.60 -10.86 -8.27
N TRP A 152 12.87 -10.35 -7.30
CA TRP A 152 11.46 -10.15 -7.48
C TRP A 152 11.04 -8.84 -6.86
N ARG A 153 10.11 -8.15 -7.54
CA ARG A 153 9.54 -6.94 -6.98
C ARG A 153 8.58 -7.34 -5.85
N PRO A 154 8.24 -6.38 -4.96
CA PRO A 154 7.28 -6.66 -3.89
C PRO A 154 5.90 -7.09 -4.40
N GLU A 155 5.55 -6.76 -5.63
CA GLU A 155 4.22 -7.12 -6.17
C GLU A 155 4.06 -8.59 -6.51
N GLU A 156 5.16 -9.32 -6.57
CA GLU A 156 5.12 -10.71 -7.04
C GLU A 156 4.78 -11.66 -5.90
N PRO A 157 3.91 -12.68 -6.16
CA PRO A 157 3.49 -13.64 -5.11
C PRO A 157 4.37 -14.89 -4.99
N ILE A 158 4.25 -15.60 -3.87
CA ILE A 158 4.98 -16.84 -3.55
C ILE A 158 4.90 -17.93 -4.63
N GLU A 159 3.71 -18.10 -5.23
CA GLU A 159 3.53 -19.08 -6.32
C GLU A 159 4.59 -19.01 -7.44
N VAL A 160 5.17 -17.82 -7.68
CA VAL A 160 6.22 -17.65 -8.70
C VAL A 160 7.66 -17.55 -8.14
N ILE A 161 7.78 -17.55 -6.82
CA ILE A 161 9.08 -17.54 -6.14
C ILE A 161 9.48 -18.94 -5.67
N ARG A 162 8.49 -19.67 -5.13
CA ARG A 162 8.71 -20.99 -4.55
C ARG A 162 9.40 -22.00 -5.50
N PRO A 163 9.04 -22.03 -6.80
CA PRO A 163 9.69 -23.01 -7.70
C PRO A 163 11.17 -22.76 -7.96
N ASP A 164 11.59 -21.50 -7.94
CA ASP A 164 13.00 -21.16 -8.13
CA ASP A 164 13.00 -21.16 -8.14
C ASP A 164 13.81 -21.63 -6.94
N ILE A 165 13.27 -21.39 -5.75
CA ILE A 165 13.90 -21.85 -4.51
C ILE A 165 14.04 -23.38 -4.51
N ALA A 166 12.91 -24.09 -4.62
CA ALA A 166 12.90 -25.57 -4.63
C ALA A 166 13.97 -26.20 -5.51
N ALA A 167 14.11 -25.70 -6.74
CA ALA A 167 15.13 -26.14 -7.70
C ALA A 167 16.55 -26.03 -7.17
N LEU A 168 16.93 -24.86 -6.69
CA LEU A 168 18.27 -24.67 -6.15
C LEU A 168 18.51 -25.50 -4.89
N VAL A 169 17.47 -25.67 -4.07
CA VAL A 169 17.56 -26.46 -2.85
C VAL A 169 17.73 -27.95 -3.19
N ARG A 170 16.98 -28.39 -4.20
CA ARG A 170 17.05 -29.77 -4.70
C ARG A 170 18.48 -30.08 -5.18
N GLN A 171 19.01 -29.21 -6.04
CA GLN A 171 20.37 -29.36 -6.57
C GLN A 171 21.44 -29.32 -5.48
N VAL A 172 21.27 -28.47 -4.47
CA VAL A 172 22.15 -28.47 -3.32
C VAL A 172 22.15 -29.85 -2.67
N ILE A 173 20.95 -30.40 -2.49
CA ILE A 173 20.78 -31.72 -1.84
C ILE A 173 21.33 -32.83 -2.73
N ILE A 174 21.02 -32.77 -4.03
CA ILE A 174 21.52 -33.75 -5.00
C ILE A 174 23.05 -33.72 -5.04
N LYS A 175 23.62 -32.51 -5.10
CA LYS A 175 25.07 -32.36 -5.14
C LYS A 175 25.73 -32.88 -3.88
N LYS A 176 25.15 -32.63 -2.71
CA LYS A 176 25.76 -33.06 -1.44
C LYS A 176 25.76 -34.58 -1.36
N LYS A 177 24.69 -35.20 -1.83
CA LYS A 177 24.56 -36.66 -1.87
C LYS A 177 25.55 -37.30 -2.82
N GLU A 178 25.63 -36.76 -4.03
CA GLU A 178 26.52 -37.28 -5.07
C GLU A 178 28.00 -37.12 -4.74
N ASP A 179 28.38 -35.92 -4.29
CA ASP A 179 29.79 -35.57 -4.13
C ASP A 179 30.38 -36.05 -2.81
N LEU A 180 31.70 -36.08 -2.74
CA LEU A 180 32.39 -36.62 -1.56
C LEU A 180 32.37 -35.77 -0.29
N PHE B 10 -10.14 -7.27 27.97
CA PHE B 10 -9.94 -8.28 29.05
C PHE B 10 -11.03 -9.35 29.06
N LEU B 11 -12.12 -9.15 28.30
CA LEU B 11 -13.22 -10.13 28.30
C LEU B 11 -12.80 -11.47 27.69
N LYS B 12 -13.27 -12.56 28.28
CA LYS B 12 -13.15 -13.89 27.67
C LYS B 12 -14.14 -13.99 26.52
N PRO B 13 -13.65 -14.35 25.31
CA PRO B 13 -14.50 -14.29 24.11
C PRO B 13 -15.69 -15.24 24.14
N LYS B 14 -15.45 -16.49 24.50
CA LYS B 14 -16.44 -17.57 24.50
C LYS B 14 -17.72 -17.26 25.28
N ILE B 15 -17.62 -16.39 26.28
CA ILE B 15 -18.70 -16.17 27.23
C ILE B 15 -19.27 -14.76 27.15
N ASN B 16 -18.80 -14.01 26.15
CA ASN B 16 -19.16 -12.61 26.01
C ASN B 16 -19.57 -12.27 24.57
N SER B 17 -19.98 -11.02 24.37
CA SER B 17 -20.51 -10.54 23.08
C SER B 17 -19.88 -9.21 22.73
N PHE B 18 -19.54 -9.02 21.46
CA PHE B 18 -19.08 -7.73 20.98
C PHE B 18 -20.15 -6.67 21.20
N TYR B 19 -21.41 -7.07 21.08
CA TYR B 19 -22.51 -6.13 21.25
C TYR B 19 -22.70 -5.63 22.71
N ALA B 20 -22.12 -6.34 23.66
CA ALA B 20 -22.18 -5.93 25.07
C ALA B 20 -21.47 -4.59 25.37
N PHE B 21 -20.45 -4.25 24.57
CA PHE B 21 -19.55 -3.11 24.88
C PHE B 21 -20.15 -1.74 24.64
N GLU B 22 -19.69 -0.77 25.44
CA GLU B 22 -19.86 0.63 25.12
C GLU B 22 -18.62 1.16 24.45
N VAL B 23 -18.81 2.06 23.48
CA VAL B 23 -17.69 2.73 22.85
C VAL B 23 -18.01 4.20 22.74
N LYS B 24 -17.05 5.01 22.34
CA LYS B 24 -17.29 6.42 22.06
C LYS B 24 -17.57 6.63 20.59
N ASP B 25 -18.57 7.45 20.31
CA ASP B 25 -18.86 7.82 18.90
C ASP B 25 -17.91 8.93 18.46
N ALA B 26 -18.05 9.41 17.22
CA ALA B 26 -17.04 10.35 16.68
C ALA B 26 -17.04 11.71 17.38
N LYS B 27 -18.16 12.01 18.04
CA LYS B 27 -18.33 13.28 18.76
C LYS B 27 -17.95 13.19 20.24
N GLY B 28 -17.43 12.03 20.68
CA GLY B 28 -17.00 11.85 22.05
C GLY B 28 -18.06 11.36 23.01
N ARG B 29 -19.21 10.94 22.49
CA ARG B 29 -20.31 10.51 23.35
C ARG B 29 -20.38 9.00 23.44
N THR B 30 -20.74 8.49 24.61
CA THR B 30 -20.89 7.05 24.80
C THR B 30 -22.08 6.47 24.05
N VAL B 31 -21.84 5.38 23.36
CA VAL B 31 -22.89 4.65 22.69
C VAL B 31 -22.78 3.16 22.96
N SER B 32 -23.94 2.53 23.17
CA SER B 32 -24.02 1.11 23.41
C SER B 32 -24.14 0.33 22.10
N LEU B 33 -23.27 -0.66 21.92
CA LEU B 33 -23.32 -1.51 20.75
C LEU B 33 -24.48 -2.51 20.80
N GLU B 34 -25.23 -2.52 21.91
CA GLU B 34 -26.40 -3.40 22.02
C GLU B 34 -27.46 -3.00 20.97
N LYS B 35 -27.37 -1.80 20.41
CA LYS B 35 -28.26 -1.36 19.35
C LYS B 35 -28.11 -2.21 18.08
N TYR B 36 -26.95 -2.85 17.94
CA TYR B 36 -26.67 -3.76 16.82
C TYR B 36 -26.95 -5.23 17.12
N LYS B 37 -27.38 -5.53 18.35
CA LYS B 37 -27.82 -6.88 18.71
C LYS B 37 -28.87 -7.35 17.73
N GLY B 38 -28.73 -8.59 17.25
CA GLY B 38 -29.66 -9.10 16.26
C GLY B 38 -29.37 -8.69 14.82
N LYS B 39 -28.34 -7.87 14.60
CA LYS B 39 -27.85 -7.59 13.25
C LYS B 39 -26.55 -8.35 12.99
N VAL B 40 -26.25 -8.58 11.71
CA VAL B 40 -24.90 -9.06 11.32
C VAL B 40 -24.03 -7.78 11.26
N SER B 41 -22.77 -7.82 11.70
CA SER B 41 -21.96 -6.61 11.59
C SER B 41 -20.62 -6.95 10.94
N LEU B 42 -20.11 -6.08 10.09
CA LEU B 42 -18.74 -6.18 9.63
C LEU B 42 -17.94 -5.06 10.30
N VAL B 43 -17.01 -5.41 11.17
CA VAL B 43 -16.29 -4.40 11.98
C VAL B 43 -14.92 -4.24 11.36
N VAL B 44 -14.50 -3.01 11.13
CA VAL B 44 -13.30 -2.77 10.31
C VAL B 44 -12.55 -1.61 10.95
N ASN B 45 -11.23 -1.78 11.10
CA ASN B 45 -10.41 -0.63 11.48
C ASN B 45 -10.09 0.16 10.22
N VAL B 46 -10.36 1.46 10.31
CA VAL B 46 -10.25 2.34 9.14
C VAL B 46 -9.18 3.40 9.32
N ALA B 47 -8.87 4.09 8.20
CA ALA B 47 -7.91 5.16 8.17
C ALA B 47 -8.13 5.96 6.88
N SER B 48 -7.88 7.26 6.89
CA SER B 48 -8.23 8.16 5.77
C SER B 48 -7.04 8.38 4.84
N ASP B 49 -5.84 8.08 5.34
CA ASP B 49 -4.61 8.43 4.64
C ASP B 49 -3.73 7.22 4.37
N CYS B 50 -4.27 6.26 3.63
N CYS B 50 -4.27 6.26 3.64
CA CYS B 50 -3.46 5.15 3.19
CA CYS B 50 -3.44 5.14 3.20
C CYS B 50 -3.93 4.71 1.81
C CYS B 50 -3.94 4.70 1.82
N GLN B 51 -3.08 3.96 1.12
CA GLN B 51 -3.39 3.49 -0.23
C GLN B 51 -4.73 2.79 -0.32
N LEU B 52 -5.09 2.07 0.76
CA LEU B 52 -6.33 1.25 0.79
C LEU B 52 -7.62 1.99 1.13
N THR B 53 -7.50 3.26 1.56
CA THR B 53 -8.67 4.05 1.93
C THR B 53 -9.81 4.03 0.92
N ASP B 54 -9.51 4.35 -0.34
CA ASP B 54 -10.54 4.52 -1.34
C ASP B 54 -11.28 3.21 -1.67
N ARG B 55 -10.54 2.14 -1.95
CA ARG B 55 -11.21 0.87 -2.32
C ARG B 55 -12.08 0.36 -1.17
N ASN B 56 -11.62 0.60 0.07
CA ASN B 56 -12.33 0.13 1.24
C ASN B 56 -13.61 0.92 1.53
N TYR B 57 -13.51 2.24 1.62
CA TYR B 57 -14.73 3.02 1.76
C TYR B 57 -15.76 2.74 0.68
N LEU B 58 -15.34 2.59 -0.58
CA LEU B 58 -16.28 2.31 -1.64
C LEU B 58 -16.89 0.93 -1.47
N GLY B 59 -16.06 -0.05 -1.12
CA GLY B 59 -16.52 -1.43 -1.03
C GLY B 59 -17.41 -1.62 0.20
N LEU B 60 -17.04 -0.98 1.31
CA LEU B 60 -17.87 -1.07 2.53
C LEU B 60 -19.23 -0.37 2.35
N LYS B 61 -19.23 0.76 1.66
CA LYS B 61 -20.47 1.45 1.31
C LYS B 61 -21.37 0.49 0.52
N GLU B 62 -20.78 -0.22 -0.42
CA GLU B 62 -21.51 -1.17 -1.27
C GLU B 62 -22.15 -2.29 -0.44
N LEU B 63 -21.35 -2.87 0.45
CA LEU B 63 -21.87 -3.87 1.40
C LEU B 63 -23.01 -3.33 2.28
N HIS B 64 -22.81 -2.17 2.89
CA HIS B 64 -23.82 -1.57 3.78
C HIS B 64 -25.09 -1.23 3.01
N LYS B 65 -24.94 -0.86 1.74
CA LYS B 65 -26.11 -0.54 0.90
C LYS B 65 -26.84 -1.81 0.50
N GLU B 66 -26.09 -2.84 0.12
CA GLU B 66 -26.70 -4.09 -0.33
C GLU B 66 -27.46 -4.82 0.79
N PHE B 67 -26.92 -4.81 2.01
CA PHE B 67 -27.42 -5.66 3.10
C PHE B 67 -28.08 -4.93 4.26
N GLY B 68 -27.70 -3.67 4.49
CA GLY B 68 -28.15 -2.89 5.64
C GLY B 68 -29.32 -1.98 5.32
N PRO B 69 -29.79 -1.19 6.32
CA PRO B 69 -29.18 -1.11 7.64
C PRO B 69 -29.92 -1.88 8.74
N SER B 70 -31.05 -2.52 8.41
CA SER B 70 -31.90 -3.16 9.44
C SER B 70 -31.29 -4.44 9.99
N HIS B 71 -30.62 -5.20 9.13
CA HIS B 71 -30.18 -6.57 9.45
C HIS B 71 -28.64 -6.72 9.39
N PHE B 72 -27.98 -5.65 8.99
CA PHE B 72 -26.54 -5.64 8.76
C PHE B 72 -26.00 -4.20 8.90
N SER B 73 -24.83 -4.08 9.51
CA SER B 73 -24.16 -2.76 9.54
C SER B 73 -22.66 -2.93 9.44
N VAL B 74 -22.02 -2.03 8.69
CA VAL B 74 -20.59 -1.89 8.80
C VAL B 74 -20.37 -1.06 10.04
N LEU B 75 -19.35 -1.38 10.85
CA LEU B 75 -19.01 -0.57 12.01
C LEU B 75 -17.56 -0.25 11.90
N ALA B 76 -17.28 1.04 11.70
CA ALA B 76 -15.92 1.51 11.43
C ALA B 76 -15.26 2.18 12.61
N PHE B 77 -14.05 1.71 12.93
CA PHE B 77 -13.24 2.22 14.03
C PHE B 77 -11.96 2.82 13.46
N PRO B 78 -11.87 4.17 13.44
CA PRO B 78 -10.58 4.72 12.96
C PRO B 78 -9.44 4.38 13.91
N CYS B 79 -8.21 4.28 13.37
CA CYS B 79 -7.03 3.91 14.13
C CYS B 79 -5.82 4.51 13.43
N ASN B 80 -4.98 5.24 14.18
CA ASN B 80 -3.75 5.85 13.68
C ASN B 80 -2.44 5.04 13.89
N GLN B 81 -2.57 3.75 14.21
CA GLN B 81 -1.38 2.99 14.58
C GLN B 81 -0.74 2.21 13.43
N PHE B 82 -1.25 2.38 12.21
CA PHE B 82 -0.77 1.63 11.06
C PHE B 82 -0.28 2.59 9.99
N GLY B 83 1.00 2.87 10.01
CA GLY B 83 1.59 3.87 9.14
C GLY B 83 1.08 5.28 9.43
N GLU B 84 0.67 5.56 10.68
CA GLU B 84 0.09 6.88 11.03
C GLU B 84 -0.91 7.37 9.95
N SER B 85 -1.84 6.47 9.62
CA SER B 85 -2.76 6.69 8.47
C SER B 85 -4.08 7.36 8.86
N GLU B 86 -4.24 7.65 10.15
CA GLU B 86 -5.44 8.40 10.61
C GLU B 86 -5.08 9.57 11.51
N PRO B 87 -4.33 10.56 11.00
CA PRO B 87 -3.88 11.62 11.90
C PRO B 87 -4.91 12.67 12.37
N ARG B 88 -6.03 12.82 11.67
CA ARG B 88 -7.01 13.89 12.00
C ARG B 88 -7.90 13.53 13.20
N PRO B 89 -8.48 14.55 13.87
CA PRO B 89 -9.44 14.29 14.94
C PRO B 89 -10.63 13.45 14.49
N SER B 90 -11.20 12.70 15.44
CA SER B 90 -12.32 11.81 15.20
C SER B 90 -13.49 12.48 14.46
N LYS B 91 -13.85 13.71 14.86
CA LYS B 91 -14.96 14.43 14.22
C LYS B 91 -14.67 14.68 12.72
N GLU B 92 -13.41 15.03 12.44
CA GLU B 92 -12.95 15.22 11.05
C GLU B 92 -12.93 13.93 10.24
N VAL B 93 -12.56 12.83 10.88
CA VAL B 93 -12.54 11.54 10.16
C VAL B 93 -13.98 11.23 9.71
N GLU B 94 -14.93 11.39 10.63
CA GLU B 94 -16.32 11.19 10.27
C GLU B 94 -16.79 12.07 9.10
N SER B 95 -16.45 13.36 9.15
CA SER B 95 -16.81 14.29 8.08
C SER B 95 -16.17 13.87 6.77
N PHE B 96 -14.92 13.41 6.84
CA PHE B 96 -14.18 12.88 5.69
C PHE B 96 -14.93 11.80 4.98
N ALA B 97 -15.31 10.76 5.72
CA ALA B 97 -16.12 9.68 5.21
C ALA B 97 -17.46 10.15 4.58
N ARG B 98 -18.18 11.04 5.27
CA ARG B 98 -19.48 11.51 4.79
C ARG B 98 -19.33 12.35 3.50
N LYS B 99 -18.41 13.31 3.52
CA LYS B 99 -18.14 14.16 2.35
C LYS B 99 -17.67 13.42 1.11
N ASN B 100 -16.67 12.57 1.28
CA ASN B 100 -16.06 11.96 0.11
C ASN B 100 -16.79 10.73 -0.38
N TYR B 101 -17.58 10.11 0.49
CA TYR B 101 -18.20 8.82 0.16
C TYR B 101 -19.69 8.75 0.41
N GLY B 102 -20.21 9.71 1.16
CA GLY B 102 -21.63 9.74 1.53
C GLY B 102 -22.09 8.50 2.27
N VAL B 103 -21.24 7.96 3.14
CA VAL B 103 -21.59 6.72 3.83
C VAL B 103 -22.56 6.98 4.98
N THR B 104 -23.46 6.02 5.20
CA THR B 104 -24.43 6.10 6.26
C THR B 104 -24.10 5.18 7.42
N PHE B 105 -23.02 4.40 7.31
CA PHE B 105 -22.65 3.53 8.42
C PHE B 105 -21.90 4.32 9.50
N PRO B 106 -21.97 3.86 10.76
CA PRO B 106 -21.29 4.65 11.79
C PRO B 106 -19.75 4.66 11.70
N ILE B 107 -19.19 5.84 12.00
CA ILE B 107 -17.76 5.98 12.21
CA ILE B 107 -17.75 6.01 12.19
C ILE B 107 -17.59 6.36 13.66
N PHE B 108 -17.05 5.41 14.42
CA PHE B 108 -16.83 5.66 15.83
C PHE B 108 -15.59 6.50 16.06
N HIS B 109 -15.34 6.83 17.33
CA HIS B 109 -14.19 7.61 17.74
C HIS B 109 -12.96 6.77 17.41
N LYS B 110 -11.91 7.46 16.98
CA LYS B 110 -10.58 6.88 16.88
C LYS B 110 -10.22 6.10 18.14
N ILE B 111 -9.62 4.92 17.92
CA ILE B 111 -9.17 4.05 19.01
C ILE B 111 -7.73 3.58 18.83
N LYS B 112 -7.14 3.11 19.94
CA LYS B 112 -5.93 2.30 19.94
C LYS B 112 -6.37 0.87 19.79
N ILE B 113 -5.61 0.10 19.07
CA ILE B 113 -5.91 -1.33 18.89
C ILE B 113 -4.75 -2.13 19.45
N LEU B 114 -3.54 -1.70 19.11
CA LEU B 114 -2.31 -2.37 19.50
C LEU B 114 -1.93 -1.88 20.87
N GLY B 115 -1.26 -2.73 21.63
CA GLY B 115 -0.65 -2.29 22.89
C GLY B 115 -1.52 -2.31 24.12
N SER B 116 -0.96 -1.78 25.20
CA SER B 116 -1.57 -1.91 26.53
C SER B 116 -2.81 -1.05 26.70
N GLU B 117 -3.00 -0.05 25.84
CA GLU B 117 -4.25 0.71 25.88
C GLU B 117 -5.22 0.34 24.78
N GLY B 118 -5.17 -0.92 24.36
CA GLY B 118 -6.05 -1.39 23.28
C GLY B 118 -7.50 -1.20 23.71
N GLU B 119 -8.32 -0.68 22.80
CA GLU B 119 -9.74 -0.51 23.08
C GLU B 119 -10.43 -1.87 23.37
N PRO B 120 -11.08 -2.03 24.55
CA PRO B 120 -11.65 -3.33 24.91
C PRO B 120 -12.52 -3.99 23.87
N ALA B 121 -13.43 -3.21 23.27
CA ALA B 121 -14.35 -3.78 22.27
C ALA B 121 -13.59 -4.37 21.11
N PHE B 122 -12.56 -3.65 20.67
CA PHE B 122 -11.74 -4.18 19.55
C PHE B 122 -10.88 -5.37 19.97
N ARG B 123 -10.34 -5.35 21.19
CA ARG B 123 -9.58 -6.48 21.71
C ARG B 123 -10.40 -7.77 21.79
N PHE B 124 -11.72 -7.64 21.98
CA PHE B 124 -12.63 -8.79 21.97
C PHE B 124 -12.63 -9.44 20.58
N LEU B 125 -12.56 -8.63 19.53
CA LEU B 125 -12.52 -9.21 18.18
C LEU B 125 -11.20 -9.95 17.98
N VAL B 126 -10.12 -9.36 18.46
CA VAL B 126 -8.76 -9.92 18.31
C VAL B 126 -8.61 -11.19 19.13
N ASP B 127 -9.12 -11.17 20.36
CA ASP B 127 -9.07 -12.35 21.21
C ASP B 127 -9.92 -13.47 20.64
N SER B 128 -11.09 -13.15 20.09
CA SER B 128 -11.97 -14.17 19.50
C SER B 128 -11.36 -14.84 18.27
N SER B 129 -10.85 -14.00 17.36
CA SER B 129 -10.36 -14.50 16.08
C SER B 129 -8.94 -15.03 16.20
N LYS B 130 -8.26 -14.61 17.27
CA LYS B 130 -6.82 -14.83 17.48
C LYS B 130 -5.98 -14.14 16.40
N LYS B 131 -6.49 -13.03 15.86
CA LYS B 131 -5.80 -12.31 14.83
C LYS B 131 -5.84 -10.82 15.14
N GLU B 132 -4.67 -10.25 15.40
CA GLU B 132 -4.56 -8.80 15.61
C GLU B 132 -4.27 -8.11 14.27
N PRO B 133 -4.92 -6.95 14.00
CA PRO B 133 -4.62 -6.28 12.75
C PRO B 133 -3.16 -5.88 12.64
N ARG B 134 -2.62 -5.96 11.42
CA ARG B 134 -1.22 -5.60 11.17
CA ARG B 134 -1.22 -5.59 11.18
C ARG B 134 -1.17 -4.43 10.18
N TRP B 135 -2.35 -3.91 9.84
CA TRP B 135 -2.47 -2.77 8.98
C TRP B 135 -3.91 -2.21 9.10
N ASN B 136 -4.18 -1.12 8.40
CA ASN B 136 -5.53 -0.59 8.27
C ASN B 136 -6.41 -1.56 7.48
N PHE B 137 -7.71 -1.59 7.81
CA PHE B 137 -8.73 -2.26 7.04
C PHE B 137 -8.73 -3.79 7.22
N TRP B 138 -8.37 -4.28 8.42
CA TRP B 138 -8.71 -5.69 8.75
C TRP B 138 -10.22 -5.73 8.98
N LYS B 139 -10.86 -6.89 8.77
CA LYS B 139 -12.32 -6.94 8.88
C LYS B 139 -12.80 -8.18 9.62
N TYR B 140 -13.83 -8.00 10.45
CA TYR B 140 -14.28 -9.08 11.36
C TYR B 140 -15.80 -9.19 11.23
N LEU B 141 -16.30 -10.38 10.93
CA LEU B 141 -17.75 -10.59 10.77
C LEU B 141 -18.31 -11.05 12.12
N VAL B 142 -19.32 -10.33 12.60
CA VAL B 142 -19.89 -10.53 13.93
C VAL B 142 -21.33 -10.99 13.69
N ASN B 143 -21.68 -12.14 14.26
CA ASN B 143 -23.02 -12.68 14.03
C ASN B 143 -24.09 -11.95 14.86
N PRO B 144 -25.39 -12.31 14.73
CA PRO B 144 -26.39 -11.48 15.46
C PRO B 144 -26.24 -11.56 16.98
N GLU B 145 -25.54 -12.58 17.45
CA GLU B 145 -25.26 -12.78 18.90
C GLU B 145 -23.97 -12.14 19.38
N GLY B 146 -23.38 -11.27 18.56
CA GLY B 146 -22.12 -10.62 18.92
C GLY B 146 -20.85 -11.47 18.91
N GLN B 147 -20.89 -12.64 18.26
CA GLN B 147 -19.70 -13.51 18.19
C GLN B 147 -19.01 -13.40 16.83
N VAL B 148 -17.68 -13.40 16.85
CA VAL B 148 -16.88 -13.28 15.62
C VAL B 148 -16.87 -14.65 14.95
N VAL B 149 -17.37 -14.70 13.71
CA VAL B 149 -17.41 -15.94 12.96
C VAL B 149 -16.37 -16.02 11.85
N LYS B 150 -15.85 -14.87 11.38
CA LYS B 150 -14.85 -14.88 10.32
C LYS B 150 -14.02 -13.58 10.38
N PHE B 151 -12.79 -13.63 9.85
CA PHE B 151 -12.03 -12.38 9.64
C PHE B 151 -11.45 -12.40 8.22
N TRP B 152 -11.08 -11.22 7.75
CA TRP B 152 -10.35 -11.07 6.51
C TRP B 152 -9.23 -10.05 6.65
N ARG B 153 -8.12 -10.35 6.01
CA ARG B 153 -7.01 -9.42 5.87
C ARG B 153 -7.34 -8.35 4.85
N PRO B 154 -6.61 -7.22 4.90
CA PRO B 154 -6.96 -6.10 4.05
C PRO B 154 -6.79 -6.43 2.57
N GLU B 155 -5.94 -7.39 2.24
CA GLU B 155 -5.73 -7.73 0.80
C GLU B 155 -6.86 -8.55 0.18
N GLU B 156 -7.81 -9.02 0.99
CA GLU B 156 -8.94 -9.79 0.44
C GLU B 156 -10.04 -8.90 -0.15
N PRO B 157 -10.46 -9.18 -1.41
CA PRO B 157 -11.48 -8.29 -2.00
C PRO B 157 -12.88 -8.48 -1.40
N ILE B 158 -13.73 -7.46 -1.50
CA ILE B 158 -15.08 -7.50 -0.91
C ILE B 158 -15.95 -8.63 -1.45
N GLU B 159 -15.69 -9.05 -2.69
CA GLU B 159 -16.41 -10.15 -3.31
C GLU B 159 -16.17 -11.48 -2.58
N VAL B 160 -15.08 -11.60 -1.83
CA VAL B 160 -14.87 -12.83 -1.09
C VAL B 160 -15.53 -12.76 0.28
N ILE B 161 -16.06 -11.60 0.62
CA ILE B 161 -16.71 -11.41 1.94
C ILE B 161 -18.21 -11.55 1.78
N ARG B 162 -18.72 -11.21 0.61
CA ARG B 162 -20.17 -11.10 0.42
C ARG B 162 -20.89 -12.42 0.73
N PRO B 163 -20.35 -13.58 0.28
CA PRO B 163 -21.11 -14.84 0.56
C PRO B 163 -21.33 -15.10 2.06
N ASP B 164 -20.32 -14.82 2.88
CA ASP B 164 -20.47 -15.05 4.34
CA ASP B 164 -20.41 -15.04 4.31
C ASP B 164 -21.48 -14.10 4.95
N ILE B 165 -21.50 -12.85 4.48
CA ILE B 165 -22.49 -11.86 4.94
C ILE B 165 -23.89 -12.34 4.52
N ALA B 166 -24.04 -12.68 3.24
CA ALA B 166 -25.36 -13.10 2.73
C ALA B 166 -25.95 -14.28 3.47
N ALA B 167 -25.12 -15.24 3.83
CA ALA B 167 -25.59 -16.48 4.42
C ALA B 167 -26.20 -16.17 5.79
N LEU B 168 -25.54 -15.28 6.53
CA LEU B 168 -26.03 -14.93 7.88
C LEU B 168 -27.20 -13.95 7.83
N VAL B 169 -27.11 -12.97 6.94
CA VAL B 169 -28.20 -12.01 6.75
C VAL B 169 -29.47 -12.76 6.32
N ARG B 170 -29.34 -13.71 5.39
CA ARG B 170 -30.49 -14.53 4.96
CA ARG B 170 -30.49 -14.50 4.97
C ARG B 170 -31.23 -15.11 6.19
N GLN B 171 -30.48 -15.74 7.10
CA GLN B 171 -31.09 -16.36 8.31
C GLN B 171 -31.72 -15.33 9.25
N VAL B 172 -31.06 -14.18 9.42
CA VAL B 172 -31.59 -13.06 10.24
C VAL B 172 -32.98 -12.62 9.77
N ILE B 173 -33.11 -12.48 8.46
CA ILE B 173 -34.37 -12.06 7.83
C ILE B 173 -35.47 -13.09 8.07
N ILE B 174 -35.15 -14.35 7.81
CA ILE B 174 -36.09 -15.45 8.04
C ILE B 174 -36.61 -15.49 9.46
N LYS B 175 -35.71 -15.37 10.42
CA LYS B 175 -36.07 -15.41 11.83
C LYS B 175 -36.94 -14.21 12.25
N LYS B 176 -36.59 -13.00 11.80
CA LYS B 176 -37.45 -11.84 12.07
C LYS B 176 -38.88 -11.97 11.51
N LYS B 177 -39.00 -12.56 10.32
CA LYS B 177 -40.31 -12.74 9.68
C LYS B 177 -41.11 -13.81 10.39
N GLU B 178 -40.45 -14.92 10.71
CA GLU B 178 -41.08 -16.09 11.33
C GLU B 178 -41.44 -15.86 12.78
N ASP B 179 -40.46 -15.39 13.55
CA ASP B 179 -40.63 -15.30 15.01
C ASP B 179 -41.40 -14.06 15.41
N LEU B 180 -41.94 -14.09 16.62
CA LEU B 180 -42.67 -12.95 17.16
C LEU B 180 -41.76 -11.78 17.53
N PHE C 10 -24.14 39.24 -9.51
CA PHE C 10 -22.83 38.90 -10.13
C PHE C 10 -22.50 37.43 -9.91
N LEU C 11 -21.59 36.93 -10.74
CA LEU C 11 -21.25 35.53 -10.82
C LEU C 11 -19.73 35.40 -10.97
N LYS C 12 -19.11 34.73 -10.00
CA LYS C 12 -17.69 34.42 -10.04
C LYS C 12 -17.43 33.44 -11.19
N PRO C 13 -16.56 33.84 -12.16
CA PRO C 13 -16.35 33.05 -13.37
C PRO C 13 -15.58 31.75 -13.12
N LYS C 14 -15.78 30.77 -14.01
CA LYS C 14 -14.99 29.55 -13.95
C LYS C 14 -14.08 29.37 -15.16
N ILE C 15 -12.92 28.79 -14.91
CA ILE C 15 -11.96 28.49 -15.95
C ILE C 15 -12.51 27.29 -16.72
N ASN C 16 -12.51 27.40 -18.05
CA ASN C 16 -13.09 26.36 -18.90
C ASN C 16 -12.10 25.28 -19.34
N SER C 17 -10.82 25.65 -19.38
CA SER C 17 -9.78 24.74 -19.86
C SER C 17 -8.62 24.55 -18.91
N PHE C 18 -8.19 23.30 -18.75
CA PHE C 18 -6.98 23.00 -17.99
C PHE C 18 -5.77 23.78 -18.50
N TYR C 19 -5.74 24.02 -19.81
CA TYR C 19 -4.55 24.59 -20.46
C TYR C 19 -4.47 26.11 -20.29
N ALA C 20 -5.43 26.66 -19.55
CA ALA C 20 -5.43 28.11 -19.28
C ALA C 20 -4.45 28.50 -18.19
N PHE C 21 -4.15 27.55 -17.30
CA PHE C 21 -3.42 27.85 -16.06
C PHE C 21 -1.91 27.99 -16.24
N GLU C 22 -1.28 28.70 -15.31
CA GLU C 22 0.16 28.78 -15.18
C GLU C 22 0.62 27.92 -14.00
N VAL C 23 1.68 27.16 -14.23
CA VAL C 23 2.29 26.33 -13.18
C VAL C 23 3.81 26.48 -13.10
N LYS C 24 4.40 26.15 -11.97
CA LYS C 24 5.86 26.11 -11.87
C LYS C 24 6.37 24.74 -12.24
N ASP C 25 7.45 24.68 -13.01
CA ASP C 25 8.13 23.40 -13.22
C ASP C 25 9.03 23.05 -12.03
N ALA C 26 9.71 21.91 -12.11
CA ALA C 26 10.41 21.36 -10.95
C ALA C 26 11.59 22.24 -10.54
N LYS C 27 12.13 22.95 -11.52
CA LYS C 27 13.24 23.86 -11.30
C LYS C 27 12.77 25.28 -10.93
N GLY C 28 11.44 25.48 -10.81
CA GLY C 28 10.87 26.77 -10.46
C GLY C 28 10.61 27.71 -11.65
N ARG C 29 10.78 27.23 -12.87
CA ARG C 29 10.45 28.06 -14.05
C ARG C 29 8.92 28.07 -14.27
N THR C 30 8.38 29.26 -14.58
CA THR C 30 6.96 29.38 -14.94
C THR C 30 6.73 28.68 -16.28
N VAL C 31 5.66 27.90 -16.34
CA VAL C 31 5.30 27.23 -17.56
C VAL C 31 3.83 27.52 -17.82
N SER C 32 3.52 28.12 -18.96
CA SER C 32 2.12 28.29 -19.30
C SER C 32 1.66 26.96 -19.90
N LEU C 33 0.50 26.46 -19.48
CA LEU C 33 -0.06 25.19 -20.00
C LEU C 33 -0.68 25.35 -21.37
N GLU C 34 -0.70 26.59 -21.87
CA GLU C 34 -1.13 26.85 -23.23
C GLU C 34 -0.28 26.09 -24.23
N LYS C 35 0.92 25.69 -23.84
CA LYS C 35 1.81 24.98 -24.72
C LYS C 35 1.22 23.63 -25.17
N TYR C 36 0.38 23.04 -24.34
CA TYR C 36 -0.25 21.73 -24.65
C TYR C 36 -1.63 21.85 -25.25
N LYS C 37 -2.08 23.07 -25.52
CA LYS C 37 -3.35 23.31 -26.18
C LYS C 37 -3.38 22.56 -27.52
N GLY C 38 -4.44 21.82 -27.76
CA GLY C 38 -4.55 21.01 -28.97
C GLY C 38 -3.88 19.66 -28.88
N LYS C 39 -3.33 19.35 -27.70
CA LYS C 39 -2.72 18.05 -27.51
C LYS C 39 -3.42 17.33 -26.37
N VAL C 40 -3.15 16.04 -26.26
CA VAL C 40 -3.75 15.22 -25.23
C VAL C 40 -2.81 15.18 -24.04
N SER C 41 -3.34 15.24 -22.83
CA SER C 41 -2.50 15.15 -21.67
C SER C 41 -3.06 14.17 -20.66
N LEU C 42 -2.19 13.34 -20.09
CA LEU C 42 -2.60 12.53 -18.91
C LEU C 42 -1.93 13.13 -17.69
N VAL C 43 -2.74 13.77 -16.82
CA VAL C 43 -2.19 14.50 -15.66
C VAL C 43 -2.25 13.55 -14.49
N VAL C 44 -1.13 13.40 -13.78
CA VAL C 44 -1.00 12.42 -12.70
C VAL C 44 -0.33 13.10 -11.51
N ASN C 45 -0.88 12.87 -10.31
CA ASN C 45 -0.23 13.30 -9.09
C ASN C 45 0.74 12.19 -8.70
N VAL C 46 2.02 12.53 -8.57
CA VAL C 46 3.06 11.51 -8.37
C VAL C 46 3.70 11.64 -7.00
N ALA C 47 4.49 10.63 -6.64
CA ALA C 47 5.19 10.58 -5.37
C ALA C 47 6.33 9.58 -5.51
N SER C 48 7.46 9.84 -4.86
CA SER C 48 8.66 9.02 -5.04
C SER C 48 8.79 7.95 -3.95
N ASP C 49 8.05 8.09 -2.86
CA ASP C 49 8.21 7.26 -1.66
C ASP C 49 6.91 6.55 -1.24
N CYS C 50 6.35 5.78 -2.16
N CYS C 50 6.32 5.80 -2.17
CA CYS C 50 5.21 4.94 -1.81
CA CYS C 50 5.18 4.95 -1.80
C CYS C 50 5.30 3.57 -2.49
C CYS C 50 5.22 3.61 -2.56
N GLN C 51 4.43 2.66 -2.09
CA GLN C 51 4.40 1.31 -2.66
C GLN C 51 4.23 1.36 -4.18
N LEU C 52 3.40 2.30 -4.63
CA LEU C 52 3.02 2.40 -6.04
C LEU C 52 4.01 3.11 -6.94
N THR C 53 5.06 3.72 -6.35
CA THR C 53 5.97 4.53 -7.15
C THR C 53 6.59 3.81 -8.35
N ASP C 54 7.20 2.65 -8.12
CA ASP C 54 7.90 1.89 -9.18
C ASP C 54 6.98 1.58 -10.36
N ARG C 55 5.84 0.96 -10.07
CA ARG C 55 4.97 0.46 -11.17
C ARG C 55 4.37 1.64 -11.95
N ASN C 56 4.05 2.73 -11.24
CA ASN C 56 3.47 3.88 -11.93
C ASN C 56 4.47 4.63 -12.80
N TYR C 57 5.69 4.84 -12.31
CA TYR C 57 6.69 5.47 -13.18
C TYR C 57 6.99 4.59 -14.41
N LEU C 58 7.07 3.28 -14.21
CA LEU C 58 7.31 2.36 -15.34
C LEU C 58 6.18 2.44 -16.35
N GLY C 59 4.94 2.40 -15.87
CA GLY C 59 3.76 2.44 -16.74
C GLY C 59 3.55 3.78 -17.41
N LEU C 60 3.84 4.86 -16.67
CA LEU C 60 3.75 6.20 -17.29
C LEU C 60 4.76 6.41 -18.41
N LYS C 61 5.96 5.88 -18.22
CA LYS C 61 7.01 5.90 -19.24
C LYS C 61 6.53 5.19 -20.49
N GLU C 62 5.90 4.03 -20.31
CA GLU C 62 5.39 3.22 -21.42
C GLU C 62 4.36 4.03 -22.22
N LEU C 63 3.40 4.62 -21.52
CA LEU C 63 2.41 5.49 -22.16
C LEU C 63 3.04 6.66 -22.91
N HIS C 64 3.93 7.42 -22.24
CA HIS C 64 4.56 8.56 -22.89
C HIS C 64 5.38 8.16 -24.11
N LYS C 65 5.99 6.98 -24.04
CA LYS C 65 6.78 6.47 -25.15
C LYS C 65 5.93 6.01 -26.32
N GLU C 66 4.78 5.40 -26.03
CA GLU C 66 3.86 4.98 -27.07
C GLU C 66 3.25 6.17 -27.79
N PHE C 67 2.71 7.12 -27.02
CA PHE C 67 1.85 8.16 -27.62
C PHE C 67 2.48 9.54 -27.80
N GLY C 68 3.50 9.83 -27.02
CA GLY C 68 4.13 11.15 -27.04
C GLY C 68 5.34 11.20 -27.95
N PRO C 69 6.02 12.35 -27.98
CA PRO C 69 5.75 13.54 -27.17
C PRO C 69 5.02 14.67 -27.90
N SER C 70 4.69 14.49 -29.17
CA SER C 70 4.14 15.58 -29.99
C SER C 70 2.64 15.80 -29.82
N HIS C 71 1.88 14.72 -29.72
CA HIS C 71 0.43 14.82 -29.69
C HIS C 71 -0.08 14.52 -28.29
N PHE C 72 0.79 13.98 -27.47
CA PHE C 72 0.41 13.58 -26.12
C PHE C 72 1.57 13.74 -25.17
N SER C 73 1.26 14.02 -23.91
CA SER C 73 2.27 14.03 -22.89
C SER C 73 1.69 13.58 -21.57
N VAL C 74 2.51 12.89 -20.78
CA VAL C 74 2.25 12.75 -19.35
C VAL C 74 2.64 14.05 -18.68
N LEU C 75 1.78 14.56 -17.81
CA LEU C 75 2.14 15.73 -17.03
C LEU C 75 2.13 15.33 -15.55
N ALA C 76 3.30 15.29 -14.94
CA ALA C 76 3.42 14.75 -13.58
C ALA C 76 3.53 15.86 -12.55
N PHE C 77 2.59 15.86 -11.60
CA PHE C 77 2.62 16.81 -10.47
C PHE C 77 2.91 16.16 -9.13
N PRO C 78 4.11 16.40 -8.56
CA PRO C 78 4.41 15.82 -7.24
C PRO C 78 3.54 16.38 -6.13
N CYS C 79 3.27 15.56 -5.12
CA CYS C 79 2.38 15.96 -4.06
C CYS C 79 2.72 15.13 -2.83
N ASN C 80 2.87 15.81 -1.70
CA ASN C 80 3.26 15.18 -0.42
C ASN C 80 2.10 15.00 0.57
N GLN C 81 0.87 14.99 0.09
CA GLN C 81 -0.29 14.93 0.97
C GLN C 81 -0.91 13.56 1.12
N PHE C 82 -0.26 12.52 0.60
CA PHE C 82 -0.87 11.21 0.53
C PHE C 82 0.12 10.26 1.15
N GLY C 83 -0.04 10.06 2.46
CA GLY C 83 0.99 9.36 3.26
C GLY C 83 2.36 10.03 3.29
N GLU C 84 2.40 11.35 3.08
CA GLU C 84 3.68 12.10 3.05
C GLU C 84 4.70 11.37 2.15
N SER C 85 4.25 11.06 0.94
CA SER C 85 5.03 10.24 0.02
C SER C 85 5.93 11.00 -0.94
N GLU C 86 6.05 12.32 -0.77
CA GLU C 86 6.95 13.11 -1.64
C GLU C 86 7.70 14.15 -0.79
N PRO C 87 8.57 13.67 0.09
CA PRO C 87 9.19 14.58 1.05
C PRO C 87 10.27 15.49 0.48
N ARG C 88 10.93 15.06 -0.59
CA ARG C 88 12.11 15.79 -1.09
C ARG C 88 11.75 17.06 -1.85
N PRO C 89 12.71 18.01 -1.98
CA PRO C 89 12.49 19.24 -2.74
C PRO C 89 12.17 18.94 -4.19
N SER C 90 11.39 19.80 -4.84
CA SER C 90 10.95 19.56 -6.23
C SER C 90 12.09 19.21 -7.20
N LYS C 91 13.23 19.88 -7.07
CA LYS C 91 14.38 19.59 -7.96
C LYS C 91 14.88 18.17 -7.83
N GLU C 92 14.91 17.64 -6.61
CA GLU C 92 15.36 16.26 -6.36
C GLU C 92 14.31 15.25 -6.84
N VAL C 93 13.04 15.57 -6.69
CA VAL C 93 11.99 14.68 -7.19
C VAL C 93 12.21 14.43 -8.68
N GLU C 94 12.41 15.50 -9.43
CA GLU C 94 12.66 15.40 -10.85
C GLU C 94 13.93 14.57 -11.16
N SER C 95 15.02 14.84 -10.42
CA SER C 95 16.28 14.08 -10.51
C SER C 95 16.07 12.59 -10.29
N PHE C 96 15.36 12.27 -9.21
CA PHE C 96 14.95 10.89 -8.85
C PHE C 96 14.30 10.21 -10.03
N ALA C 97 13.29 10.85 -10.61
CA ALA C 97 12.54 10.23 -11.72
C ALA C 97 13.40 10.01 -12.95
N ARG C 98 14.20 11.01 -13.30
CA ARG C 98 15.03 10.92 -14.50
C ARG C 98 16.13 9.87 -14.30
N LYS C 99 16.81 9.94 -13.16
CA LYS C 99 17.91 9.01 -12.88
C LYS C 99 17.43 7.57 -12.78
N ASN C 100 16.33 7.35 -12.07
CA ASN C 100 15.86 5.98 -11.79
C ASN C 100 14.99 5.38 -12.91
N TYR C 101 14.35 6.23 -13.72
CA TYR C 101 13.39 5.74 -14.71
C TYR C 101 13.67 6.14 -16.16
N GLY C 102 14.52 7.14 -16.35
CA GLY C 102 14.81 7.61 -17.69
C GLY C 102 13.64 8.31 -18.35
N VAL C 103 12.69 8.78 -17.54
CA VAL C 103 11.52 9.46 -18.11
C VAL C 103 11.86 10.81 -18.72
N THR C 104 11.16 11.16 -19.80
CA THR C 104 11.36 12.42 -20.48
C THR C 104 10.12 13.31 -20.42
N PHE C 105 9.05 12.84 -19.76
CA PHE C 105 7.87 13.67 -19.63
C PHE C 105 8.06 14.78 -18.59
N PRO C 106 7.31 15.88 -18.69
CA PRO C 106 7.50 16.98 -17.75
C PRO C 106 7.15 16.59 -16.31
N ILE C 107 8.02 16.94 -15.36
CA ILE C 107 7.74 16.80 -13.92
C ILE C 107 7.68 18.23 -13.34
N PHE C 108 6.55 18.58 -12.77
CA PHE C 108 6.32 19.96 -12.37
C PHE C 108 6.75 20.12 -10.92
N HIS C 109 6.70 21.35 -10.40
CA HIS C 109 6.91 21.62 -8.99
C HIS C 109 5.85 20.89 -8.16
N LYS C 110 6.28 20.45 -6.98
CA LYS C 110 5.37 19.93 -5.99
C LYS C 110 4.22 20.90 -5.76
N ILE C 111 2.99 20.35 -5.69
CA ILE C 111 1.83 21.19 -5.40
C ILE C 111 1.05 20.66 -4.20
N LYS C 112 0.15 21.48 -3.68
CA LYS C 112 -0.88 20.97 -2.80
C LYS C 112 -2.09 20.68 -3.65
N ILE C 113 -2.82 19.64 -3.26
CA ILE C 113 -4.05 19.24 -3.96
C ILE C 113 -5.27 19.28 -3.04
N LEU C 114 -5.15 18.69 -1.85
CA LEU C 114 -6.16 18.77 -0.80
C LEU C 114 -6.05 20.10 -0.02
N GLY C 115 -7.18 20.51 0.58
CA GLY C 115 -7.18 21.67 1.49
C GLY C 115 -7.36 23.03 0.84
N SER C 116 -7.38 24.07 1.67
CA SER C 116 -7.69 25.45 1.24
C SER C 116 -6.73 26.00 0.19
N GLU C 117 -5.53 25.45 0.14
CA GLU C 117 -4.49 25.92 -0.77
C GLU C 117 -4.17 25.01 -1.96
N GLY C 118 -5.12 24.14 -2.32
CA GLY C 118 -5.00 23.32 -3.54
C GLY C 118 -4.64 24.14 -4.76
N GLU C 119 -3.68 23.64 -5.53
CA GLU C 119 -3.26 24.28 -6.75
C GLU C 119 -4.44 24.39 -7.72
N PRO C 120 -4.78 25.63 -8.16
CA PRO C 120 -5.94 25.82 -9.06
C PRO C 120 -6.00 24.92 -10.28
N ALA C 121 -4.87 24.72 -10.97
CA ALA C 121 -4.81 23.84 -12.14
C ALA C 121 -5.30 22.44 -11.80
N PHE C 122 -4.87 21.92 -10.65
CA PHE C 122 -5.30 20.57 -10.26
C PHE C 122 -6.72 20.56 -9.71
N ARG C 123 -7.10 21.62 -9.00
CA ARG C 123 -8.52 21.70 -8.60
C ARG C 123 -9.45 21.70 -9.80
N PHE C 124 -8.98 22.25 -10.93
CA PHE C 124 -9.76 22.23 -12.16
C PHE C 124 -10.09 20.78 -12.52
N LEU C 125 -9.11 19.89 -12.41
CA LEU C 125 -9.31 18.47 -12.75
C LEU C 125 -10.33 17.81 -11.81
N VAL C 126 -10.21 18.13 -10.53
CA VAL C 126 -11.13 17.65 -9.47
C VAL C 126 -12.58 18.14 -9.67
N ASP C 127 -12.78 19.44 -9.82
CA ASP C 127 -14.09 20.05 -10.13
C ASP C 127 -14.75 19.41 -11.36
N SER C 128 -13.99 19.27 -12.45
CA SER C 128 -14.50 18.71 -13.69
C SER C 128 -14.91 17.25 -13.58
N SER C 129 -14.04 16.41 -13.01
CA SER C 129 -14.30 14.98 -12.90
C SER C 129 -15.21 14.63 -11.70
N LYS C 130 -15.37 15.60 -10.78
CA LYS C 130 -16.02 15.44 -9.46
C LYS C 130 -15.35 14.39 -8.58
N LYS C 131 -14.06 14.17 -8.84
CA LYS C 131 -13.31 13.16 -8.08
C LYS C 131 -11.98 13.71 -7.63
N GLU C 132 -11.83 13.84 -6.31
CA GLU C 132 -10.58 14.30 -5.73
C GLU C 132 -9.68 13.08 -5.47
N PRO C 133 -8.39 13.18 -5.80
CA PRO C 133 -7.53 12.03 -5.51
C PRO C 133 -7.55 11.61 -4.04
N ARG C 134 -7.49 10.30 -3.81
CA ARG C 134 -7.47 9.73 -2.46
CA ARG C 134 -7.45 9.78 -2.44
C ARG C 134 -6.10 9.12 -2.13
N TRP C 135 -5.21 9.17 -3.10
CA TRP C 135 -3.87 8.66 -2.90
C TRP C 135 -2.99 9.24 -3.99
N ASN C 136 -1.72 8.84 -3.97
CA ASN C 136 -0.81 9.10 -5.07
C ASN C 136 -1.26 8.37 -6.34
N PHE C 137 -0.97 9.00 -7.48
CA PHE C 137 -1.13 8.40 -8.83
C PHE C 137 -2.54 8.22 -9.37
N TRP C 138 -3.45 9.10 -8.97
CA TRP C 138 -4.71 9.26 -9.73
C TRP C 138 -4.34 9.91 -11.06
N LYS C 139 -5.14 9.62 -12.09
CA LYS C 139 -4.82 10.02 -13.47
C LYS C 139 -6.03 10.62 -14.17
N TYR C 140 -5.83 11.75 -14.82
CA TYR C 140 -6.94 12.51 -15.42
C TYR C 140 -6.56 12.74 -16.87
N LEU C 141 -7.38 12.27 -17.78
CA LEU C 141 -7.20 12.50 -19.23
C LEU C 141 -7.86 13.81 -19.71
N VAL C 142 -7.03 14.72 -20.24
CA VAL C 142 -7.45 16.01 -20.79
C VAL C 142 -7.39 16.01 -22.31
N ASN C 143 -8.50 16.37 -22.97
CA ASN C 143 -8.53 16.39 -24.44
C ASN C 143 -7.84 17.63 -25.02
N PRO C 144 -7.69 17.68 -26.35
CA PRO C 144 -7.02 18.83 -26.96
C PRO C 144 -7.68 20.17 -26.59
N GLU C 145 -8.97 20.11 -26.28
CA GLU C 145 -9.74 21.30 -25.85
C GLU C 145 -9.58 21.69 -24.33
N GLY C 146 -8.76 20.97 -23.57
CA GLY C 146 -8.58 21.30 -22.14
C GLY C 146 -9.60 20.76 -21.14
N GLN C 147 -10.42 19.81 -21.61
CA GLN C 147 -11.52 19.23 -20.85
C GLN C 147 -11.11 17.87 -20.32
N VAL C 148 -11.51 17.55 -19.09
CA VAL C 148 -11.31 16.21 -18.54
C VAL C 148 -12.37 15.30 -19.15
N VAL C 149 -11.94 14.21 -19.75
CA VAL C 149 -12.83 13.25 -20.35
C VAL C 149 -12.91 11.92 -19.63
N LYS C 150 -11.87 11.55 -18.87
CA LYS C 150 -11.91 10.36 -18.04
C LYS C 150 -10.91 10.50 -16.90
N PHE C 151 -11.06 9.67 -15.87
CA PHE C 151 -10.07 9.60 -14.81
C PHE C 151 -9.93 8.13 -14.43
N TRP C 152 -8.81 7.81 -13.77
CA TRP C 152 -8.53 6.44 -13.33
C TRP C 152 -7.95 6.45 -11.94
N ARG C 153 -8.34 5.45 -11.19
CA ARG C 153 -7.79 5.23 -9.86
C ARG C 153 -6.42 4.59 -10.00
N PRO C 154 -5.56 4.77 -8.98
CA PRO C 154 -4.15 4.42 -9.03
C PRO C 154 -3.87 3.02 -9.50
N GLU C 155 -4.72 2.09 -9.11
CA GLU C 155 -4.52 0.65 -9.35
C GLU C 155 -5.18 0.16 -10.65
N GLU C 156 -5.69 1.05 -11.48
CA GLU C 156 -6.09 0.61 -12.82
C GLU C 156 -4.83 0.51 -13.71
N PRO C 157 -4.67 -0.60 -14.46
CA PRO C 157 -3.43 -0.79 -15.23
C PRO C 157 -3.38 0.11 -16.48
N ILE C 158 -2.21 0.41 -17.03
CA ILE C 158 -2.18 1.27 -18.24
C ILE C 158 -2.89 0.67 -19.45
N GLU C 159 -3.06 -0.66 -19.49
CA GLU C 159 -3.81 -1.28 -20.60
C GLU C 159 -5.26 -0.76 -20.75
N VAL C 160 -5.87 -0.31 -19.66
CA VAL C 160 -7.24 0.18 -19.72
C VAL C 160 -7.24 1.69 -20.03
N ILE C 161 -6.06 2.30 -20.05
CA ILE C 161 -5.95 3.75 -20.31
C ILE C 161 -5.63 3.99 -21.79
N ARG C 162 -4.87 3.08 -22.39
CA ARG C 162 -4.42 3.19 -23.79
C ARG C 162 -5.53 3.51 -24.81
N PRO C 163 -6.69 2.79 -24.76
CA PRO C 163 -7.69 3.06 -25.81
C PRO C 163 -8.21 4.50 -25.81
N ASP C 164 -8.41 5.07 -24.63
CA ASP C 164 -8.89 6.45 -24.56
C ASP C 164 -7.84 7.45 -25.04
N ILE C 165 -6.57 7.16 -24.73
CA ILE C 165 -5.48 8.00 -25.19
C ILE C 165 -5.38 7.90 -26.71
N ALA C 166 -5.41 6.67 -27.24
CA ALA C 166 -5.29 6.42 -28.68
C ALA C 166 -6.39 7.17 -29.45
N ALA C 167 -7.61 7.15 -28.90
CA ALA C 167 -8.77 7.79 -29.54
C ALA C 167 -8.57 9.30 -29.67
N LEU C 168 -8.10 9.93 -28.61
CA LEU C 168 -7.85 11.38 -28.63
C LEU C 168 -6.66 11.77 -29.51
N VAL C 169 -5.59 10.97 -29.49
CA VAL C 169 -4.44 11.20 -30.37
C VAL C 169 -4.85 11.14 -31.84
N ARG C 170 -5.69 10.18 -32.20
CA ARG C 170 -6.24 10.11 -33.54
C ARG C 170 -6.88 11.44 -33.93
N GLN C 171 -7.61 12.04 -32.97
CA GLN C 171 -8.31 13.32 -33.21
C GLN C 171 -7.37 14.51 -33.44
N VAL C 172 -6.28 14.52 -32.69
CA VAL C 172 -5.18 15.50 -32.87
C VAL C 172 -4.66 15.39 -34.32
N ILE C 173 -4.40 14.18 -34.76
CA ILE C 173 -3.82 13.94 -36.10
C ILE C 173 -4.78 14.30 -37.21
N ILE C 174 -6.06 14.03 -36.99
CA ILE C 174 -7.06 14.28 -38.04
C ILE C 174 -7.45 15.73 -38.17
N LYS C 175 -7.57 16.41 -37.04
CA LYS C 175 -8.12 17.76 -37.03
C LYS C 175 -7.05 18.81 -37.16
N LYS C 176 -7.43 19.95 -37.73
CA LYS C 176 -6.59 21.14 -37.71
C LYS C 176 -6.77 21.98 -36.43
N LYS C 177 -5.64 22.39 -35.84
CA LYS C 177 -5.65 23.24 -34.62
C LYS C 177 -5.93 24.70 -34.98
S SO4 D . -1.93 -3.63 -3.85
O1 SO4 D . -1.12 -2.67 -4.60
O2 SO4 D . -2.57 -4.55 -4.79
O3 SO4 D . -1.07 -4.37 -2.92
O4 SO4 D . -2.98 -2.93 -3.10
#